data_3S22
#
_entry.id   3S22
#
_cell.length_a   44.891
_cell.length_b   71.891
_cell.length_c   105.889
_cell.angle_alpha   90.00
_cell.angle_beta   90.00
_cell.angle_gamma   90.00
#
_symmetry.space_group_name_H-M   'P 21 21 21'
#
loop_
_entity.id
_entity.type
_entity.pdbx_description
1 polymer Beta-lactamase
2 non-polymer '[(2S,3R)-2-formyl-1-{[4-(methylamino)butyl]carbamoyl}pyrrolidin-3-yl]sulfamic acid'
3 non-polymer 'CHLORIDE ION'
4 water water
#
_entity_poly.entity_id   1
_entity_poly.type   'polypeptide(L)'
_entity_poly.pdbx_seq_one_letter_code
;GEAPADRLKALVDAAVQPVMKANDIPGLAVAISLKGEPHYFSYGLASKEDGRRVTPETLFEIGSVSKTFTATLAGYALTQ
DKMRLDDRASQHWPALQGSRFDGISLLDLATYTAGGLPLQFPDSVQKDQAQIRDYYRQWQPTYAPGSQRLYSNPSIGLFG
YLAARSLGQPFERLMEQQVFPALGLEQTHLDVPEAALAQYAQGYGKDDRPLRVGPGPLDAEGYGVKTSAADLLRFVDANL
HPERLDRPWAQALDATHRGYYKVGDMTQGLGWEAYDWPISLKRLQAGNSTPMALQPHRIARLPAPQALEGQRLLNKTGST
NGFGAYVAFVPGRDLGLVILANRNYPNAERVKIAYAILSGLEQQGKVPLKA
;
_entity_poly.pdbx_strand_id   A
#
# COMPACT_ATOMS: atom_id res chain seq x y z
N ALA A 3 17.19 -15.21 26.34
CA ALA A 3 16.42 -16.12 25.45
C ALA A 3 15.46 -15.41 24.46
N PRO A 4 14.60 -14.48 24.96
CA PRO A 4 13.63 -13.78 24.10
C PRO A 4 14.25 -13.04 22.91
N ALA A 5 15.29 -12.26 23.17
CA ALA A 5 16.02 -11.54 22.12
C ALA A 5 16.66 -12.52 21.15
N ASP A 6 17.29 -13.55 21.70
CA ASP A 6 17.96 -14.56 20.88
C ASP A 6 16.96 -15.33 20.02
N ARG A 7 15.80 -15.64 20.59
CA ARG A 7 14.75 -16.40 19.89
C ARG A 7 14.14 -15.62 18.74
N LEU A 8 13.87 -14.33 18.98
CA LEU A 8 13.30 -13.49 17.94
C LEU A 8 14.28 -13.31 16.78
N LYS A 9 15.54 -13.01 17.08
CA LYS A 9 16.57 -12.97 16.04
C LYS A 9 16.66 -14.29 15.29
N ALA A 10 16.68 -15.40 16.03
CA ALA A 10 16.74 -16.75 15.44
C ALA A 10 15.60 -16.95 14.44
N LEU A 11 14.40 -16.56 14.87
CA LEU A 11 13.17 -16.75 14.09
C LEU A 11 13.15 -15.89 12.83
N VAL A 12 13.47 -14.61 12.98
CA VAL A 12 13.50 -13.70 11.84
C VAL A 12 14.63 -14.07 10.87
N ASP A 13 15.83 -14.37 11.38
CA ASP A 13 16.95 -14.81 10.52
C ASP A 13 16.52 -16.03 9.72
N ALA A 14 15.82 -16.95 10.38
CA ALA A 14 15.46 -18.24 9.76
C ALA A 14 14.44 -18.06 8.63
N ALA A 15 13.50 -17.13 8.84
CA ALA A 15 12.48 -16.75 7.86
C ALA A 15 13.11 -15.99 6.67
N VAL A 16 13.98 -15.04 6.99
CA VAL A 16 14.50 -14.09 6.00
C VAL A 16 15.65 -14.64 5.16
N GLN A 17 16.68 -15.16 5.82
CA GLN A 17 17.92 -15.48 5.12
C GLN A 17 17.77 -16.43 3.91
N PRO A 18 17.00 -17.53 4.03
CA PRO A 18 16.85 -18.39 2.83
C PRO A 18 16.11 -17.72 1.67
N VAL A 19 15.08 -16.93 1.99
CA VAL A 19 14.35 -16.19 0.98
C VAL A 19 15.21 -15.13 0.30
N MET A 20 16.01 -14.39 1.08
CA MET A 20 16.99 -13.46 0.48
C MET A 20 17.95 -14.12 -0.48
N LYS A 21 18.53 -15.24 -0.05
CA LYS A 21 19.49 -15.94 -0.89
C LYS A 21 18.83 -16.44 -2.14
N ALA A 22 17.65 -17.04 -1.98
CA ALA A 22 16.95 -17.72 -3.11
C ALA A 22 16.46 -16.73 -4.16
N ASN A 23 16.21 -15.50 -3.74
CA ASN A 23 15.70 -14.45 -4.63
C ASN A 23 16.76 -13.40 -4.97
N ASP A 24 18.00 -13.68 -4.58
CA ASP A 24 19.17 -12.81 -4.83
C ASP A 24 18.88 -11.35 -4.44
N ILE A 25 18.28 -11.18 -3.27
CA ILE A 25 17.91 -9.87 -2.77
C ILE A 25 19.13 -9.18 -2.15
N PRO A 26 19.57 -8.03 -2.71
CA PRO A 26 20.77 -7.43 -2.12
C PRO A 26 20.57 -6.94 -0.68
N GLY A 27 19.41 -6.35 -0.41
CA GLY A 27 19.18 -5.68 0.88
C GLY A 27 17.74 -5.83 1.31
N LEU A 28 17.54 -6.06 2.60
CA LEU A 28 16.18 -6.27 3.12
C LEU A 28 16.08 -5.79 4.56
N ALA A 29 15.06 -4.99 4.85
CA ALA A 29 14.77 -4.52 6.21
C ALA A 29 13.46 -5.11 6.73
N VAL A 30 13.51 -5.63 7.95
CA VAL A 30 12.31 -6.09 8.67
C VAL A 30 12.07 -5.21 9.88
N ALA A 31 10.81 -4.86 10.12
CA ALA A 31 10.44 -4.23 11.36
C ALA A 31 9.19 -4.95 11.87
N ILE A 32 9.21 -5.30 13.14
CA ILE A 32 8.11 -6.01 13.79
C ILE A 32 7.65 -5.20 14.99
N SER A 33 6.33 -5.03 15.12
CA SER A 33 5.76 -4.46 16.34
C SER A 33 5.15 -5.60 17.12
N LEU A 34 5.62 -5.77 18.35
CA LEU A 34 5.22 -6.92 19.19
C LEU A 34 5.10 -6.45 20.62
N LYS A 35 3.94 -6.70 21.21
CA LYS A 35 3.65 -6.34 22.60
C LYS A 35 3.98 -4.88 22.92
N GLY A 36 3.72 -4.01 21.94
CA GLY A 36 3.90 -2.57 22.12
C GLY A 36 5.33 -2.08 21.95
N GLU A 37 6.18 -2.92 21.37
CA GLU A 37 7.57 -2.49 21.17
C GLU A 37 8.05 -2.81 19.77
N PRO A 38 8.86 -1.91 19.17
CA PRO A 38 9.40 -2.19 17.85
C PRO A 38 10.69 -3.01 17.90
N HIS A 39 10.89 -3.83 16.87
CA HIS A 39 12.09 -4.64 16.74
C HIS A 39 12.53 -4.56 15.31
N TYR A 40 13.82 -4.28 15.10
CA TYR A 40 14.33 -4.15 13.72
C TYR A 40 15.41 -5.17 13.42
N PHE A 41 15.35 -5.70 12.19
CA PHE A 41 16.33 -6.65 11.67
C PHE A 41 16.72 -6.20 10.26
N SER A 42 18.00 -5.94 10.05
CA SER A 42 18.47 -5.37 8.78
C SER A 42 19.49 -6.30 8.16
N TYR A 43 19.33 -6.54 6.86
CA TYR A 43 20.16 -7.52 6.17
C TYR A 43 20.74 -6.92 4.90
N GLY A 44 22.01 -7.24 4.66
CA GLY A 44 22.61 -6.96 3.37
C GLY A 44 22.81 -5.49 3.07
N LEU A 45 22.83 -5.19 1.78
CA LEU A 45 23.35 -3.94 1.27
C LEU A 45 22.28 -3.10 0.58
N ALA A 46 22.21 -1.83 0.97
CA ALA A 46 21.34 -0.85 0.31
C ALA A 46 21.86 -0.54 -1.08
N SER A 47 23.19 -0.52 -1.23
CA SER A 47 23.87 -0.37 -2.53
C SER A 47 25.05 -1.34 -2.61
N LYS A 48 25.03 -2.23 -3.60
CA LYS A 48 26.13 -3.18 -3.81
C LYS A 48 27.41 -2.47 -4.23
N GLU A 49 27.25 -1.35 -4.95
CA GLU A 49 28.38 -0.65 -5.53
C GLU A 49 29.17 0.19 -4.52
N ASP A 50 28.46 0.90 -3.63
CA ASP A 50 29.15 1.70 -2.61
C ASP A 50 29.22 1.04 -1.23
N GLY A 51 28.62 -0.14 -1.11
CA GLY A 51 28.68 -0.91 0.13
C GLY A 51 27.85 -0.39 1.29
N ARG A 52 26.97 0.59 1.04
CA ARG A 52 26.05 1.09 2.06
C ARG A 52 25.18 -0.08 2.53
N ARG A 53 25.13 -0.26 3.85
CA ARG A 53 24.35 -1.33 4.47
C ARG A 53 22.91 -0.89 4.70
N VAL A 54 22.00 -1.86 4.67
CA VAL A 54 20.60 -1.62 5.05
C VAL A 54 20.57 -1.38 6.57
N THR A 55 19.81 -0.36 6.97
CA THR A 55 19.53 -0.10 8.38
C THR A 55 18.04 0.15 8.50
N PRO A 56 17.52 0.32 9.73
CA PRO A 56 16.08 0.61 9.86
C PRO A 56 15.69 2.02 9.32
N GLU A 57 16.68 2.81 8.91
CA GLU A 57 16.44 4.15 8.38
C GLU A 57 16.66 4.25 6.86
N THR A 58 17.11 3.15 6.26
CA THR A 58 17.27 3.11 4.80
C THR A 58 15.91 3.36 4.18
N LEU A 59 15.87 4.22 3.16
CA LEU A 59 14.63 4.45 2.40
C LEU A 59 14.49 3.46 1.25
N PHE A 60 13.32 2.84 1.18
CA PHE A 60 12.98 1.87 0.13
C PHE A 60 11.74 2.41 -0.59
N GLU A 61 11.62 2.13 -1.89
CA GLU A 61 10.36 2.35 -2.59
C GLU A 61 9.38 1.27 -2.15
N ILE A 62 8.16 1.67 -1.77
CA ILE A 62 7.16 0.69 -1.31
C ILE A 62 6.05 0.45 -2.35
N GLY A 63 6.17 1.11 -3.50
CA GLY A 63 5.20 0.93 -4.59
C GLY A 63 3.77 1.04 -4.09
N SER A 64 2.92 0.07 -4.47
CA SER A 64 1.48 0.09 -4.14
C SER A 64 1.10 0.10 -2.65
N VAL A 65 2.07 -0.16 -1.76
CA VAL A 65 1.77 0.01 -0.34
C VAL A 65 1.43 1.50 -0.10
N SER A 66 1.85 2.36 -1.02
CA SER A 66 1.53 3.80 -0.94
C SER A 66 0.02 4.00 -0.90
N LYS A 67 -0.72 3.11 -1.56
CA LYS A 67 -2.18 3.18 -1.58
C LYS A 67 -2.83 3.21 -0.21
N THR A 68 -2.19 2.65 0.82
CA THR A 68 -2.77 2.70 2.18
C THR A 68 -2.63 4.12 2.75
N PHE A 69 -1.56 4.84 2.36
CA PHE A 69 -1.42 6.26 2.70
C PHE A 69 -2.45 7.10 1.94
N THR A 70 -2.61 6.80 0.67
CA THR A 70 -3.62 7.46 -0.16
C THR A 70 -5.01 7.26 0.45
N ALA A 71 -5.31 6.02 0.88
CA ALA A 71 -6.59 5.73 1.54
C ALA A 71 -6.79 6.51 2.84
N THR A 72 -5.72 6.72 3.60
CA THR A 72 -5.72 7.51 4.84
C THR A 72 -6.08 8.98 4.53
N LEU A 73 -5.49 9.53 3.47
CA LEU A 73 -5.88 10.89 3.04
C LEU A 73 -7.36 10.95 2.67
N ALA A 74 -7.82 9.96 1.91
CA ALA A 74 -9.23 9.87 1.56
C ALA A 74 -10.10 9.74 2.80
N GLY A 75 -9.66 8.91 3.75
CA GLY A 75 -10.34 8.78 5.06
C GLY A 75 -10.49 10.10 5.78
N TYR A 76 -9.46 10.94 5.71
CA TYR A 76 -9.50 12.29 6.26
C TYR A 76 -10.59 13.13 5.58
N ALA A 77 -10.58 13.18 4.24
CA ALA A 77 -11.59 13.92 3.48
C ALA A 77 -13.00 13.43 3.80
N LEU A 78 -13.17 12.11 3.95
CA LEU A 78 -14.46 11.53 4.35
C LEU A 78 -14.86 12.00 5.74
N THR A 79 -13.96 11.71 6.69
CA THR A 79 -13.98 12.17 8.10
C THR A 79 -14.53 13.58 8.24
N GLN A 80 -14.05 14.45 7.35
CA GLN A 80 -14.29 15.88 7.38
C GLN A 80 -15.47 16.34 6.52
N ASP A 81 -16.27 15.39 6.02
CA ASP A 81 -17.46 15.68 5.23
C ASP A 81 -17.18 16.50 3.96
N LYS A 82 -16.02 16.27 3.35
CA LYS A 82 -15.67 16.95 2.10
C LYS A 82 -16.04 16.10 0.88
N MET A 83 -16.27 14.81 1.13
CA MET A 83 -16.75 13.89 0.11
C MET A 83 -17.42 12.72 0.84
N ARG A 84 -18.18 11.93 0.08
CA ARG A 84 -18.80 10.71 0.58
C ARG A 84 -18.44 9.58 -0.38
N LEU A 85 -18.45 8.35 0.11
CA LEU A 85 -18.06 7.21 -0.75
C LEU A 85 -19.02 6.99 -1.91
N ASP A 86 -20.27 7.45 -1.76
CA ASP A 86 -21.29 7.33 -2.80
C ASP A 86 -21.40 8.56 -3.72
N ASP A 87 -20.52 9.53 -3.55
CA ASP A 87 -20.39 10.63 -4.51
C ASP A 87 -20.01 10.06 -5.88
N ARG A 88 -20.53 10.68 -6.93
CA ARG A 88 -20.06 10.41 -8.28
C ARG A 88 -18.69 11.02 -8.45
N ALA A 89 -17.82 10.32 -9.17
CA ALA A 89 -16.48 10.82 -9.40
C ALA A 89 -16.49 12.23 -9.99
N SER A 90 -17.38 12.48 -10.94
CA SER A 90 -17.37 13.76 -11.64
C SER A 90 -17.85 14.92 -10.75
N GLN A 91 -18.41 14.60 -9.57
CA GLN A 91 -18.75 15.65 -8.59
C GLN A 91 -17.52 16.47 -8.23
N HIS A 92 -16.35 15.83 -8.23
CA HIS A 92 -15.13 16.40 -7.68
C HIS A 92 -14.12 16.87 -8.72
N TRP A 93 -14.50 16.81 -10.01
CA TRP A 93 -13.64 17.26 -11.09
C TRP A 93 -14.51 17.62 -12.29
N PRO A 94 -14.79 18.94 -12.51
CA PRO A 94 -15.66 19.35 -13.59
C PRO A 94 -15.28 18.79 -14.94
N ALA A 95 -13.97 18.62 -15.17
CA ALA A 95 -13.47 18.08 -16.43
C ALA A 95 -14.09 16.71 -16.74
N LEU A 96 -14.49 15.97 -15.70
CA LEU A 96 -15.11 14.65 -15.88
C LEU A 96 -16.65 14.66 -16.03
N GLN A 97 -17.28 15.81 -15.79
CA GLN A 97 -18.72 15.91 -16.01
C GLN A 97 -19.03 15.66 -17.49
N GLY A 98 -20.01 14.79 -17.73
CA GLY A 98 -20.40 14.45 -19.10
C GLY A 98 -19.76 13.14 -19.56
N SER A 99 -18.80 12.67 -18.78
CA SER A 99 -18.11 11.41 -19.09
C SER A 99 -18.77 10.24 -18.34
N ARG A 100 -18.25 9.04 -18.57
CA ARG A 100 -18.72 7.86 -17.84
C ARG A 100 -18.56 7.99 -16.33
N PHE A 101 -17.73 8.95 -15.88
CA PHE A 101 -17.51 9.12 -14.44
C PHE A 101 -18.66 9.82 -13.72
N ASP A 102 -19.66 10.25 -14.49
CA ASP A 102 -20.94 10.67 -13.93
C ASP A 102 -21.63 9.51 -13.23
N GLY A 103 -21.34 8.28 -13.66
CA GLY A 103 -22.03 7.09 -13.18
C GLY A 103 -21.17 6.11 -12.40
N ILE A 104 -20.04 6.58 -11.90
CA ILE A 104 -19.09 5.75 -11.14
C ILE A 104 -18.84 6.43 -9.79
N SER A 105 -18.86 5.64 -8.71
CA SER A 105 -18.70 6.23 -7.38
C SER A 105 -17.26 6.32 -6.93
N LEU A 106 -17.01 7.15 -5.92
CA LEU A 106 -15.71 7.17 -5.29
C LEU A 106 -15.35 5.79 -4.73
N LEU A 107 -16.32 5.11 -4.13
CA LEU A 107 -16.09 3.77 -3.61
C LEU A 107 -15.67 2.81 -4.72
N ASP A 108 -16.33 2.88 -5.88
CA ASP A 108 -15.95 2.02 -7.03
C ASP A 108 -14.47 2.25 -7.36
N LEU A 109 -14.06 3.51 -7.41
CA LEU A 109 -12.68 3.84 -7.75
C LEU A 109 -11.69 3.32 -6.69
N ALA A 110 -12.01 3.54 -5.43
CA ALA A 110 -11.14 3.13 -4.34
C ALA A 110 -10.92 1.61 -4.29
N THR A 111 -11.95 0.85 -4.65
CA THR A 111 -11.93 -0.60 -4.50
C THR A 111 -11.89 -1.36 -5.83
N TYR A 112 -11.57 -0.65 -6.91
CA TYR A 112 -11.23 -1.27 -8.21
C TYR A 112 -12.42 -1.89 -8.97
N THR A 113 -13.62 -1.38 -8.70
CA THR A 113 -14.84 -1.89 -9.30
C THR A 113 -15.51 -0.89 -10.24
N ALA A 114 -14.75 0.08 -10.73
CA ALA A 114 -15.30 1.09 -11.65
C ALA A 114 -15.72 0.51 -13.01
N GLY A 115 -15.24 -0.69 -13.33
CA GLY A 115 -15.68 -1.40 -14.52
C GLY A 115 -14.57 -1.63 -15.54
N GLY A 116 -13.37 -1.93 -15.05
CA GLY A 116 -12.29 -2.39 -15.92
C GLY A 116 -11.17 -1.42 -16.19
N LEU A 117 -11.02 -0.37 -15.37
CA LEU A 117 -9.81 0.47 -15.47
C LEU A 117 -8.60 -0.46 -15.31
N PRO A 118 -7.57 -0.31 -16.17
CA PRO A 118 -6.51 -1.33 -16.23
C PRO A 118 -5.48 -1.23 -15.10
N LEU A 119 -4.56 -2.19 -15.04
CA LEU A 119 -3.57 -2.24 -13.95
C LEU A 119 -2.80 -0.94 -13.85
N GLN A 120 -2.34 -0.45 -15.02
CA GLN A 120 -1.56 0.77 -15.12
C GLN A 120 -2.13 1.65 -16.19
N PHE A 121 -1.86 2.96 -16.10
CA PHE A 121 -2.09 3.83 -17.24
C PHE A 121 -1.31 3.29 -18.44
N PRO A 122 -1.86 3.42 -19.65
CA PRO A 122 -1.11 3.00 -20.84
C PRO A 122 0.16 3.85 -20.98
N ASP A 123 1.15 3.31 -21.70
CA ASP A 123 2.41 4.01 -21.92
C ASP A 123 2.23 5.39 -22.58
N SER A 124 1.16 5.54 -23.35
CA SER A 124 0.86 6.78 -24.06
C SER A 124 0.45 7.94 -23.13
N VAL A 125 0.10 7.62 -21.88
CA VAL A 125 -0.31 8.66 -20.93
C VAL A 125 0.87 9.05 -20.04
N GLN A 126 1.39 10.25 -20.24
CA GLN A 126 2.51 10.78 -19.47
C GLN A 126 2.03 11.51 -18.21
N LYS A 127 2.96 11.86 -17.33
CA LYS A 127 2.62 12.60 -16.11
C LYS A 127 2.31 14.04 -16.52
N ASP A 128 1.05 14.27 -16.82
CA ASP A 128 0.63 15.54 -17.40
C ASP A 128 -0.87 15.64 -17.16
N GLN A 129 -1.29 16.74 -16.56
CA GLN A 129 -2.67 16.92 -16.11
C GLN A 129 -3.67 16.75 -17.26
N ALA A 130 -3.35 17.34 -18.41
CA ALA A 130 -4.20 17.31 -19.60
C ALA A 130 -4.34 15.89 -20.16
N GLN A 131 -3.21 15.18 -20.23
CA GLN A 131 -3.22 13.80 -20.71
C GLN A 131 -4.04 12.89 -19.80
N ILE A 132 -3.93 13.10 -18.50
CA ILE A 132 -4.67 12.32 -17.50
C ILE A 132 -6.18 12.62 -17.60
N ARG A 133 -6.53 13.90 -17.62
CA ARG A 133 -7.87 14.38 -17.88
C ARG A 133 -8.47 13.70 -19.12
N ASP A 134 -7.76 13.78 -20.24
CA ASP A 134 -8.22 13.22 -21.51
C ASP A 134 -8.36 11.70 -21.43
N TYR A 135 -7.44 11.03 -20.74
CA TYR A 135 -7.54 9.58 -20.54
C TYR A 135 -8.88 9.20 -19.90
N TYR A 136 -9.20 9.82 -18.77
CA TYR A 136 -10.48 9.51 -18.08
C TYR A 136 -11.71 9.95 -18.90
N ARG A 137 -11.60 11.05 -19.62
CA ARG A 137 -12.74 11.51 -20.41
C ARG A 137 -13.16 10.48 -21.45
N GLN A 138 -12.19 9.78 -22.02
CA GLN A 138 -12.46 8.91 -23.16
C GLN A 138 -12.70 7.46 -22.74
N TRP A 139 -12.37 7.13 -21.50
CA TRP A 139 -12.48 5.74 -21.03
C TRP A 139 -13.93 5.26 -20.88
N GLN A 140 -14.20 4.03 -21.32
CA GLN A 140 -15.52 3.39 -21.20
C GLN A 140 -15.41 2.09 -20.41
N PRO A 141 -16.33 1.85 -19.45
CA PRO A 141 -16.35 0.57 -18.70
C PRO A 141 -16.51 -0.64 -19.63
N THR A 142 -15.80 -1.71 -19.28
CA THR A 142 -15.91 -3.01 -19.96
C THR A 142 -17.15 -3.74 -19.45
N TYR A 143 -17.49 -3.46 -18.19
CA TYR A 143 -18.67 -4.05 -17.53
C TYR A 143 -19.21 -3.08 -16.48
N ALA A 144 -20.39 -3.38 -15.96
CA ALA A 144 -21.11 -2.45 -15.12
C ALA A 144 -20.29 -2.07 -13.90
N PRO A 145 -20.16 -0.76 -13.63
CA PRO A 145 -19.50 -0.39 -12.35
C PRO A 145 -20.12 -1.14 -11.18
N GLY A 146 -19.29 -1.49 -10.20
CA GLY A 146 -19.73 -2.17 -8.99
C GLY A 146 -19.84 -3.68 -9.06
N SER A 147 -19.48 -4.27 -10.21
CA SER A 147 -19.70 -5.69 -10.45
C SER A 147 -18.45 -6.57 -10.40
N GLN A 148 -17.35 -6.05 -10.95
CA GLN A 148 -16.13 -6.81 -11.02
C GLN A 148 -14.95 -6.03 -10.49
N ARG A 149 -14.09 -6.71 -9.73
CA ARG A 149 -12.86 -6.10 -9.25
C ARG A 149 -11.76 -6.34 -10.27
N LEU A 150 -11.11 -5.27 -10.70
CA LEU A 150 -9.89 -5.39 -11.53
C LEU A 150 -8.87 -4.43 -10.92
N TYR A 151 -7.85 -5.01 -10.30
CA TYR A 151 -6.89 -4.23 -9.56
C TYR A 151 -6.26 -3.18 -10.51
N SER A 152 -6.25 -1.91 -10.06
CA SER A 152 -5.93 -0.80 -10.97
C SER A 152 -5.32 0.43 -10.29
N ASN A 153 -4.12 0.82 -10.74
CA ASN A 153 -3.52 2.09 -10.36
C ASN A 153 -4.35 3.31 -10.80
N PRO A 154 -4.77 3.37 -12.08
CA PRO A 154 -5.65 4.49 -12.48
C PRO A 154 -6.96 4.61 -11.66
N SER A 155 -7.49 3.48 -11.21
CA SER A 155 -8.70 3.50 -10.36
C SER A 155 -8.48 4.21 -9.00
N ILE A 156 -7.65 3.61 -8.14
CA ILE A 156 -7.40 4.19 -6.83
C ILE A 156 -6.59 5.50 -6.93
N GLY A 157 -5.74 5.62 -7.95
CA GLY A 157 -5.08 6.89 -8.25
C GLY A 157 -6.07 8.03 -8.36
N LEU A 158 -7.10 7.86 -9.19
CA LEU A 158 -8.17 8.85 -9.34
C LEU A 158 -8.90 9.11 -8.03
N PHE A 159 -9.19 8.05 -7.27
CA PHE A 159 -9.79 8.20 -5.94
C PHE A 159 -8.98 9.16 -5.05
N GLY A 160 -7.67 8.95 -5.02
CA GLY A 160 -6.76 9.83 -4.25
C GLY A 160 -6.72 11.27 -4.77
N TYR A 161 -6.66 11.41 -6.09
CA TYR A 161 -6.66 12.73 -6.73
C TYR A 161 -7.94 13.52 -6.41
N LEU A 162 -9.09 12.83 -6.49
CA LEU A 162 -10.36 13.48 -6.21
C LEU A 162 -10.51 13.81 -4.72
N ALA A 163 -10.03 12.93 -3.84
CA ALA A 163 -9.98 13.26 -2.40
C ALA A 163 -9.21 14.55 -2.18
N ALA A 164 -8.04 14.67 -2.81
CA ALA A 164 -7.25 15.92 -2.71
C ALA A 164 -8.06 17.12 -3.22
N ARG A 165 -8.71 16.97 -4.37
CA ARG A 165 -9.53 18.03 -4.92
C ARG A 165 -10.61 18.43 -3.95
N SER A 166 -11.21 17.45 -3.27
CA SER A 166 -12.31 17.75 -2.33
C SER A 166 -11.79 18.57 -1.15
N LEU A 167 -10.49 18.43 -0.88
CA LEU A 167 -9.85 19.20 0.20
C LEU A 167 -9.25 20.52 -0.27
N GLY A 168 -9.25 20.74 -1.59
CA GLY A 168 -8.86 22.03 -2.16
C GLY A 168 -7.37 22.30 -2.22
N GLN A 169 -6.58 21.22 -2.22
CA GLN A 169 -5.11 21.31 -2.29
C GLN A 169 -4.54 20.17 -3.13
N PRO A 170 -3.32 20.35 -3.70
CA PRO A 170 -2.68 19.22 -4.39
C PRO A 170 -2.40 18.04 -3.48
N PHE A 171 -2.59 16.85 -4.05
CA PHE A 171 -2.42 15.61 -3.31
C PHE A 171 -1.05 15.57 -2.63
N GLU A 172 -0.01 15.90 -3.40
CA GLU A 172 1.38 15.84 -2.90
C GLU A 172 1.61 16.77 -1.72
N ARG A 173 1.07 17.98 -1.83
CA ARG A 173 1.17 18.98 -0.76
C ARG A 173 0.46 18.48 0.52
N LEU A 174 -0.76 17.98 0.38
CA LEU A 174 -1.48 17.39 1.51
C LEU A 174 -0.68 16.29 2.21
N MET A 175 -0.03 15.41 1.45
CA MET A 175 0.72 14.29 2.07
C MET A 175 1.91 14.82 2.87
N GLU A 176 2.68 15.71 2.24
CA GLU A 176 3.86 16.28 2.88
C GLU A 176 3.56 17.13 4.08
N GLN A 177 2.55 17.98 3.95
CA GLN A 177 2.31 19.08 4.89
C GLN A 177 1.34 18.66 6.01
N GLN A 178 0.45 17.71 5.68
CA GLN A 178 -0.58 17.28 6.63
C GLN A 178 -0.53 15.81 7.08
N VAL A 179 -0.60 14.88 6.12
CA VAL A 179 -0.70 13.47 6.46
C VAL A 179 0.55 12.92 7.16
N PHE A 180 1.72 13.08 6.53
CA PHE A 180 2.95 12.56 7.14
C PHE A 180 3.23 13.18 8.53
N PRO A 181 3.14 14.51 8.67
CA PRO A 181 3.33 15.08 10.03
C PRO A 181 2.31 14.57 11.05
N ALA A 182 1.04 14.41 10.64
CA ALA A 182 0.00 13.92 11.56
C ALA A 182 0.33 12.52 12.09
N LEU A 183 0.98 11.72 11.25
CA LEU A 183 1.31 10.33 11.56
C LEU A 183 2.68 10.21 12.23
N GLY A 184 3.37 11.34 12.38
CA GLY A 184 4.68 11.40 13.04
C GLY A 184 5.80 10.85 12.18
N LEU A 185 5.66 10.99 10.86
CA LEU A 185 6.58 10.37 9.93
C LEU A 185 7.55 11.39 9.34
N GLU A 186 8.82 11.29 9.75
CA GLU A 186 9.85 12.22 9.31
C GLU A 186 10.86 11.56 8.36
N GLN A 187 10.64 10.27 8.08
CA GLN A 187 11.47 9.53 7.13
C GLN A 187 10.61 8.94 6.03
N THR A 188 9.56 9.67 5.66
CA THR A 188 8.59 9.22 4.67
C THR A 188 8.37 10.34 3.64
N HIS A 189 8.50 10.00 2.37
CA HIS A 189 8.64 11.02 1.33
C HIS A 189 7.95 10.59 0.05
N LEU A 190 7.41 11.58 -0.66
CA LEU A 190 7.01 11.42 -2.06
C LEU A 190 8.18 11.86 -2.95
N ASP A 191 8.89 12.89 -2.51
CA ASP A 191 10.01 13.44 -3.26
C ASP A 191 11.16 13.55 -2.24
N VAL A 192 12.09 12.59 -2.30
CA VAL A 192 13.15 12.51 -1.27
C VAL A 192 14.03 13.76 -1.29
N PRO A 193 14.16 14.46 -0.14
CA PRO A 193 15.03 15.64 -0.16
C PRO A 193 16.48 15.27 -0.51
N GLU A 194 17.16 16.17 -1.22
CA GLU A 194 18.57 15.96 -1.56
C GLU A 194 19.42 15.58 -0.36
N ALA A 195 19.13 16.18 0.79
CA ALA A 195 19.85 15.92 2.03
C ALA A 195 19.66 14.50 2.59
N ALA A 196 18.60 13.81 2.16
CA ALA A 196 18.32 12.48 2.63
C ALA A 196 18.61 11.40 1.57
N LEU A 197 19.20 11.80 0.43
CA LEU A 197 19.42 10.85 -0.66
C LEU A 197 20.45 9.78 -0.30
N ALA A 198 21.33 10.06 0.65
CA ALA A 198 22.33 9.08 1.11
C ALA A 198 21.63 7.87 1.77
N GLN A 199 20.37 8.06 2.18
CA GLN A 199 19.59 6.97 2.79
C GLN A 199 18.82 6.14 1.77
N TYR A 200 18.75 6.62 0.53
CA TYR A 200 17.85 6.02 -0.47
C TYR A 200 18.56 4.81 -1.09
N ALA A 201 18.05 3.62 -0.82
CA ALA A 201 18.60 2.39 -1.38
C ALA A 201 18.58 2.41 -2.90
N GLN A 202 19.56 1.72 -3.50
CA GLN A 202 19.51 1.38 -4.92
C GLN A 202 18.53 0.24 -5.12
N GLY A 203 17.81 0.28 -6.24
CA GLY A 203 16.94 -0.83 -6.63
C GLY A 203 17.67 -1.66 -7.68
N TYR A 204 17.36 -2.94 -7.72
CA TYR A 204 18.01 -3.85 -8.67
C TYR A 204 17.01 -4.66 -9.47
N GLY A 205 17.21 -4.69 -10.78
CA GLY A 205 16.44 -5.57 -11.64
C GLY A 205 17.26 -6.64 -12.34
N LYS A 206 16.87 -6.95 -13.57
CA LYS A 206 17.55 -7.95 -14.39
C LYS A 206 18.99 -7.58 -14.66
N ASP A 207 19.86 -8.59 -14.57
CA ASP A 207 21.31 -8.43 -14.63
C ASP A 207 21.79 -7.33 -13.66
N ASP A 208 21.10 -7.23 -12.52
CA ASP A 208 21.37 -6.21 -11.49
C ASP A 208 21.46 -4.79 -12.02
N ARG A 209 20.70 -4.45 -13.06
CA ARG A 209 20.66 -3.06 -13.51
C ARG A 209 20.01 -2.19 -12.42
N PRO A 210 20.56 -0.98 -12.19
CA PRO A 210 20.06 -0.10 -11.14
C PRO A 210 18.73 0.54 -11.53
N LEU A 211 17.79 0.55 -10.58
CA LEU A 211 16.46 1.04 -10.86
C LEU A 211 15.93 1.87 -9.72
N ARG A 212 15.60 3.12 -10.02
CA ARG A 212 14.77 3.91 -9.13
C ARG A 212 13.57 4.40 -9.90
N VAL A 213 12.46 4.56 -9.19
CA VAL A 213 11.19 4.85 -9.84
C VAL A 213 11.17 6.26 -10.44
N GLY A 214 10.71 6.35 -11.69
CA GLY A 214 10.66 7.62 -12.39
C GLY A 214 9.23 8.14 -12.35
N PRO A 215 9.03 9.38 -12.82
CA PRO A 215 7.73 10.05 -12.84
C PRO A 215 6.73 9.27 -13.70
N GLY A 216 5.48 9.23 -13.23
CA GLY A 216 4.39 8.64 -14.00
C GLY A 216 3.08 9.29 -13.61
N PRO A 217 2.04 9.17 -14.46
CA PRO A 217 0.74 9.78 -14.14
C PRO A 217 0.16 9.21 -12.83
N LEU A 218 -0.23 10.11 -11.93
CA LEU A 218 -0.78 9.76 -10.63
C LEU A 218 0.15 8.85 -9.84
N ASP A 219 1.46 9.04 -10.01
CA ASP A 219 2.44 8.26 -9.28
C ASP A 219 2.38 8.43 -7.77
N ALA A 220 2.17 9.68 -7.30
CA ALA A 220 2.11 9.94 -5.87
C ALA A 220 0.98 9.12 -5.23
N GLU A 221 -0.16 9.09 -5.90
CA GLU A 221 -1.34 8.41 -5.37
C GLU A 221 -1.23 6.90 -5.43
N GLY A 222 -0.63 6.38 -6.49
CA GLY A 222 -0.58 4.93 -6.65
C GLY A 222 0.64 4.23 -6.07
N TYR A 223 1.79 4.89 -6.14
CA TYR A 223 3.04 4.20 -5.83
C TYR A 223 4.21 5.12 -5.43
N GLY A 224 3.89 6.29 -4.89
CA GLY A 224 4.87 7.38 -4.77
C GLY A 224 5.77 7.38 -3.55
N VAL A 225 5.43 6.56 -2.55
CA VAL A 225 6.12 6.71 -1.25
C VAL A 225 7.49 5.97 -1.19
N LYS A 226 8.48 6.67 -0.63
CA LYS A 226 9.76 6.09 -0.23
C LYS A 226 9.83 6.30 1.28
N THR A 227 10.07 5.22 2.00
CA THR A 227 10.10 5.28 3.47
C THR A 227 11.02 4.22 4.04
N SER A 228 11.30 4.33 5.34
CA SER A 228 12.17 3.39 6.03
C SER A 228 11.34 2.32 6.72
N ALA A 229 11.98 1.20 7.05
CA ALA A 229 11.26 0.16 7.82
C ALA A 229 10.75 0.73 9.14
N ALA A 230 11.54 1.60 9.78
CA ALA A 230 11.12 2.21 11.04
C ALA A 230 9.89 3.10 10.88
N ASP A 231 9.88 3.96 9.86
CA ASP A 231 8.69 4.79 9.61
C ASP A 231 7.47 3.97 9.17
N LEU A 232 7.68 2.95 8.34
CA LEU A 232 6.52 2.16 7.91
C LEU A 232 5.93 1.40 9.11
N LEU A 233 6.77 0.96 10.03
CA LEU A 233 6.26 0.33 11.25
C LEU A 233 5.51 1.36 12.12
N ARG A 234 5.98 2.60 12.15
CA ARG A 234 5.25 3.65 12.85
C ARG A 234 3.84 3.78 12.27
N PHE A 235 3.73 3.71 10.95
CA PHE A 235 2.43 3.75 10.27
C PHE A 235 1.58 2.53 10.62
N VAL A 236 2.19 1.35 10.62
CA VAL A 236 1.51 0.13 11.10
C VAL A 236 1.01 0.31 12.54
N ASP A 237 1.83 0.92 13.41
CA ASP A 237 1.43 1.11 14.80
C ASP A 237 0.27 2.11 14.92
N ALA A 238 0.25 3.12 14.05
CA ALA A 238 -0.90 4.02 13.97
C ALA A 238 -2.17 3.27 13.55
N ASN A 239 -1.99 2.29 12.67
CA ASN A 239 -3.13 1.50 12.23
C ASN A 239 -3.61 0.55 13.34
N LEU A 240 -2.67 0.06 14.15
CA LEU A 240 -3.02 -0.81 15.27
C LEU A 240 -3.69 -0.06 16.40
N HIS A 241 -3.35 1.22 16.53
CA HIS A 241 -3.88 2.06 17.59
C HIS A 241 -4.26 3.47 17.13
N PRO A 242 -5.32 3.58 16.31
CA PRO A 242 -5.73 4.90 15.79
C PRO A 242 -6.10 5.85 16.92
N GLU A 243 -6.57 5.31 18.04
CA GLU A 243 -7.04 6.11 19.19
C GLU A 243 -5.91 6.91 19.83
N ARG A 244 -4.68 6.56 19.49
CA ARG A 244 -3.51 7.29 20.00
C ARG A 244 -3.24 8.58 19.23
N LEU A 245 -3.93 8.75 18.09
CA LEU A 245 -3.85 9.99 17.31
C LEU A 245 -4.99 10.96 17.65
N ASP A 246 -4.75 12.26 17.43
CA ASP A 246 -5.80 13.27 17.55
C ASP A 246 -6.98 12.81 16.71
N ARG A 247 -8.20 13.01 17.22
CA ARG A 247 -9.43 12.41 16.67
C ARG A 247 -9.64 12.48 15.15
N PRO A 248 -9.35 13.64 14.51
CA PRO A 248 -9.52 13.70 13.06
C PRO A 248 -8.72 12.61 12.34
N TRP A 249 -7.49 12.40 12.80
CA TRP A 249 -6.62 11.39 12.18
C TRP A 249 -6.94 9.98 12.63
N ALA A 250 -7.42 9.85 13.86
CA ALA A 250 -7.92 8.55 14.33
C ALA A 250 -9.03 8.06 13.40
N GLN A 251 -9.99 8.95 13.12
CA GLN A 251 -11.13 8.65 12.24
C GLN A 251 -10.69 8.36 10.80
N ALA A 252 -9.69 9.09 10.31
CA ALA A 252 -9.12 8.84 8.98
C ALA A 252 -8.58 7.42 8.86
N LEU A 253 -7.83 7.00 9.87
CA LEU A 253 -7.29 5.63 9.88
C LEU A 253 -8.41 4.59 10.01
N ASP A 254 -9.41 4.85 10.84
CA ASP A 254 -10.53 3.91 11.00
C ASP A 254 -11.23 3.68 9.65
N ALA A 255 -11.26 4.71 8.81
CA ALA A 255 -11.96 4.59 7.53
C ALA A 255 -11.28 3.57 6.60
N THR A 256 -10.01 3.25 6.88
CA THR A 256 -9.25 2.26 6.09
C THR A 256 -9.40 0.84 6.64
N HIS A 257 -10.24 0.69 7.67
CA HIS A 257 -10.42 -0.62 8.31
C HIS A 257 -11.87 -1.02 8.18
N ARG A 258 -12.42 -0.77 7.00
CA ARG A 258 -13.80 -1.12 6.69
C ARG A 258 -13.89 -1.88 5.36
N GLY A 259 -14.51 -3.04 5.38
CA GLY A 259 -14.58 -3.90 4.19
C GLY A 259 -15.91 -3.76 3.46
N TYR A 260 -15.86 -3.79 2.12
CA TYR A 260 -17.03 -3.54 1.27
C TYR A 260 -17.52 -4.76 0.49
N TYR A 261 -16.62 -5.67 0.20
CA TYR A 261 -16.95 -6.90 -0.53
C TYR A 261 -15.87 -7.93 -0.35
N LYS A 262 -16.16 -9.15 -0.77
CA LYS A 262 -15.16 -10.20 -0.75
C LYS A 262 -14.91 -10.74 -2.14
N VAL A 263 -13.66 -11.15 -2.36
CA VAL A 263 -13.30 -11.98 -3.50
C VAL A 263 -12.52 -13.16 -2.92
N GLY A 264 -13.10 -14.36 -3.02
CA GLY A 264 -12.51 -15.53 -2.36
C GLY A 264 -12.32 -15.26 -0.87
N ASP A 265 -11.09 -15.40 -0.41
CA ASP A 265 -10.77 -15.32 1.02
C ASP A 265 -10.50 -13.88 1.45
N MET A 266 -10.45 -12.97 0.47
CA MET A 266 -10.02 -11.58 0.72
C MET A 266 -11.21 -10.62 0.87
N THR A 267 -11.16 -9.74 1.87
CA THR A 267 -12.18 -8.70 2.01
C THR A 267 -11.50 -7.37 1.71
N GLN A 268 -12.10 -6.60 0.81
CA GLN A 268 -11.48 -5.39 0.27
C GLN A 268 -11.91 -4.16 1.08
N GLY A 269 -10.91 -3.46 1.61
CA GLY A 269 -11.09 -2.18 2.30
C GLY A 269 -10.49 -1.06 1.46
N LEU A 270 -10.37 0.13 2.04
CA LEU A 270 -9.68 1.23 1.35
C LEU A 270 -8.18 1.02 1.53
N GLY A 271 -7.52 0.60 0.46
CA GLY A 271 -6.08 0.31 0.52
C GLY A 271 -5.82 -1.10 1.07
N TRP A 272 -6.15 -1.31 2.35
CA TRP A 272 -5.94 -2.61 2.98
C TRP A 272 -6.81 -3.73 2.42
N GLU A 273 -6.23 -4.91 2.32
CA GLU A 273 -6.99 -6.14 2.02
C GLU A 273 -6.86 -7.08 3.21
N ALA A 274 -7.97 -7.68 3.61
CA ALA A 274 -8.07 -8.46 4.87
C ALA A 274 -8.38 -9.93 4.65
N TYR A 275 -7.90 -10.76 5.58
CA TYR A 275 -8.14 -12.21 5.60
C TYR A 275 -8.53 -12.60 7.00
N ASP A 276 -9.31 -13.66 7.13
CA ASP A 276 -9.51 -14.26 8.43
C ASP A 276 -8.18 -14.77 8.92
N TRP A 277 -7.99 -14.79 10.23
CA TRP A 277 -6.73 -15.18 10.82
C TRP A 277 -7.01 -16.08 12.02
N PRO A 278 -6.42 -17.29 12.05
CA PRO A 278 -5.45 -17.86 11.09
C PRO A 278 -6.08 -18.31 9.75
N ILE A 279 -5.21 -18.40 8.75
CA ILE A 279 -5.54 -18.95 7.45
C ILE A 279 -4.25 -19.62 6.94
N SER A 280 -4.38 -20.59 6.02
CA SER A 280 -3.19 -21.28 5.55
C SER A 280 -2.25 -20.37 4.76
N LEU A 281 -0.97 -20.70 4.74
CA LEU A 281 -0.04 -19.93 3.91
C LEU A 281 -0.45 -19.95 2.44
N LYS A 282 -0.84 -21.12 1.93
CA LYS A 282 -1.23 -21.18 0.51
C LYS A 282 -2.41 -20.26 0.17
N ARG A 283 -3.40 -20.18 1.04
CA ARG A 283 -4.51 -19.23 0.82
C ARG A 283 -4.10 -17.75 0.81
N LEU A 284 -3.17 -17.38 1.69
CA LEU A 284 -2.72 -16.00 1.79
C LEU A 284 -1.86 -15.67 0.59
N GLN A 285 -1.09 -16.67 0.14
CA GLN A 285 -0.33 -16.49 -1.10
C GLN A 285 -1.26 -16.34 -2.29
N ALA A 286 -2.32 -17.16 -2.36
CA ALA A 286 -3.28 -17.07 -3.47
C ALA A 286 -3.94 -15.69 -3.50
N GLY A 287 -4.25 -15.15 -2.32
CA GLY A 287 -4.88 -13.81 -2.25
C GLY A 287 -3.98 -12.70 -2.77
N ASN A 288 -2.68 -12.97 -2.73
CA ASN A 288 -1.66 -12.02 -3.19
C ASN A 288 -0.93 -12.52 -4.43
N SER A 289 -1.61 -13.32 -5.25
CA SER A 289 -1.01 -13.90 -6.44
C SER A 289 -1.20 -13.03 -7.69
N THR A 290 -0.52 -13.41 -8.77
CA THR A 290 -0.59 -12.63 -10.02
C THR A 290 -2.02 -12.54 -10.62
N PRO A 291 -2.75 -13.68 -10.67
CA PRO A 291 -4.16 -13.62 -11.11
C PRO A 291 -5.06 -12.61 -10.35
N MET A 292 -4.84 -12.44 -9.05
CA MET A 292 -5.57 -11.41 -8.28
C MET A 292 -5.28 -9.99 -8.75
N ALA A 293 -4.06 -9.75 -9.22
CA ALA A 293 -3.67 -8.42 -9.64
C ALA A 293 -4.06 -8.20 -11.09
N LEU A 294 -4.12 -9.30 -11.86
CA LEU A 294 -4.21 -9.15 -13.31
C LEU A 294 -5.54 -9.52 -13.97
N GLN A 295 -6.38 -10.27 -13.26
CA GLN A 295 -7.66 -10.73 -13.82
C GLN A 295 -8.90 -10.17 -13.09
N PRO A 296 -10.01 -9.95 -13.83
CA PRO A 296 -11.21 -9.47 -13.16
C PRO A 296 -11.80 -10.59 -12.32
N HIS A 297 -12.38 -10.26 -11.17
CA HIS A 297 -13.10 -11.22 -10.34
C HIS A 297 -14.42 -10.62 -9.93
N ARG A 298 -15.49 -11.41 -10.05
CA ARG A 298 -16.81 -11.01 -9.59
C ARG A 298 -16.77 -10.83 -8.07
N ILE A 299 -17.42 -9.79 -7.57
CA ILE A 299 -17.36 -9.50 -6.14
C ILE A 299 -18.56 -10.11 -5.43
N ALA A 300 -18.42 -10.31 -4.11
CA ALA A 300 -19.54 -10.65 -3.26
C ALA A 300 -19.78 -9.46 -2.33
N ARG A 301 -20.77 -8.63 -2.63
CA ARG A 301 -20.93 -7.41 -1.86
C ARG A 301 -21.49 -7.72 -0.48
N LEU A 302 -20.97 -7.02 0.52
CA LEU A 302 -21.47 -7.13 1.89
C LEU A 302 -22.73 -6.26 2.08
N PRO A 303 -23.66 -6.72 2.93
CA PRO A 303 -24.89 -5.98 3.21
C PRO A 303 -24.65 -4.66 3.93
N ALA A 304 -23.48 -4.52 4.55
CA ALA A 304 -23.07 -3.32 5.26
C ALA A 304 -21.56 -3.37 5.40
N PRO A 305 -20.88 -2.20 5.47
CA PRO A 305 -19.43 -2.24 5.68
C PRO A 305 -19.08 -3.02 6.96
N GLN A 306 -17.97 -3.74 6.88
CA GLN A 306 -17.54 -4.67 7.92
C GLN A 306 -16.28 -4.15 8.57
N ALA A 307 -16.25 -4.16 9.90
CA ALA A 307 -15.05 -3.76 10.64
C ALA A 307 -13.92 -4.76 10.43
N LEU A 308 -12.79 -4.26 9.93
CA LEU A 308 -11.62 -5.09 9.64
C LEU A 308 -10.77 -5.04 10.89
N GLU A 309 -11.15 -5.84 11.87
CA GLU A 309 -10.48 -5.82 13.18
C GLU A 309 -10.52 -7.21 13.80
N GLY A 310 -10.04 -7.35 15.02
CA GLY A 310 -10.14 -8.66 15.69
C GLY A 310 -9.20 -9.66 15.01
N GLN A 311 -9.73 -10.87 14.78
CA GLN A 311 -8.94 -12.00 14.28
C GLN A 311 -8.85 -11.96 12.77
N ARG A 312 -8.12 -10.98 12.29
CA ARG A 312 -7.92 -10.81 10.85
C ARG A 312 -6.49 -10.39 10.61
N LEU A 313 -6.04 -10.61 9.39
CA LEU A 313 -4.76 -10.14 8.97
C LEU A 313 -5.04 -9.13 7.85
N LEU A 314 -4.59 -7.89 8.03
CA LEU A 314 -4.69 -6.90 6.97
C LEU A 314 -3.32 -6.76 6.34
N ASN A 315 -3.27 -6.61 5.02
CA ASN A 315 -1.97 -6.56 4.35
C ASN A 315 -2.02 -5.73 3.08
N LYS A 316 -0.85 -5.44 2.53
CA LYS A 316 -0.76 -4.90 1.19
C LYS A 316 0.61 -5.23 0.62
N THR A 317 0.64 -5.74 -0.62
CA THR A 317 1.89 -5.86 -1.38
C THR A 317 2.14 -4.60 -2.23
N GLY A 318 3.38 -4.33 -2.54
CA GLY A 318 3.68 -3.25 -3.49
C GLY A 318 5.06 -3.43 -4.07
N SER A 319 5.22 -3.00 -5.33
CA SER A 319 6.47 -3.14 -6.06
C SER A 319 6.72 -1.95 -6.95
N THR A 320 7.99 -1.73 -7.25
CA THR A 320 8.37 -0.91 -8.38
C THR A 320 9.35 -1.75 -9.19
N ASN A 321 9.93 -1.21 -10.27
CA ASN A 321 10.79 -2.07 -11.08
C ASN A 321 11.94 -2.63 -10.26
N GLY A 322 12.38 -1.86 -9.25
CA GLY A 322 13.58 -2.22 -8.49
C GLY A 322 13.39 -2.71 -7.06
N PHE A 323 12.15 -2.70 -6.56
CA PHE A 323 11.85 -2.92 -5.13
C PHE A 323 10.62 -3.79 -4.92
N GLY A 324 10.56 -4.44 -3.76
CA GLY A 324 9.42 -5.27 -3.38
C GLY A 324 9.15 -5.12 -1.90
N ALA A 325 7.93 -4.66 -1.59
CA ALA A 325 7.48 -4.36 -0.23
C ALA A 325 6.28 -5.21 0.16
N TYR A 326 6.17 -5.49 1.45
CA TYR A 326 4.99 -6.18 2.01
C TYR A 326 4.80 -5.73 3.44
N VAL A 327 3.53 -5.46 3.79
CA VAL A 327 3.13 -5.04 5.11
C VAL A 327 1.93 -5.89 5.53
N ALA A 328 1.96 -6.38 6.77
CA ALA A 328 0.87 -7.17 7.35
C ALA A 328 0.71 -6.89 8.83
N PHE A 329 -0.53 -6.81 9.29
CA PHE A 329 -0.77 -6.64 10.72
C PHE A 329 -2.07 -7.35 11.15
N VAL A 330 -2.09 -7.75 12.42
CA VAL A 330 -3.22 -8.44 13.03
C VAL A 330 -3.77 -7.54 14.14
N PRO A 331 -4.87 -6.80 13.86
CA PRO A 331 -5.43 -5.87 14.84
C PRO A 331 -5.69 -6.49 16.21
N GLY A 332 -6.31 -7.66 16.24
CA GLY A 332 -6.67 -8.30 17.50
C GLY A 332 -5.52 -8.83 18.34
N ARG A 333 -4.31 -8.82 17.79
CA ARG A 333 -3.12 -9.31 18.48
C ARG A 333 -2.05 -8.23 18.70
N ASP A 334 -2.32 -6.99 18.28
CA ASP A 334 -1.38 -5.88 18.46
C ASP A 334 -0.03 -6.28 17.85
N LEU A 335 -0.10 -6.84 16.66
CA LEU A 335 1.07 -7.39 15.98
C LEU A 335 1.14 -6.82 14.58
N GLY A 336 2.32 -6.38 14.17
CA GLY A 336 2.50 -5.84 12.82
C GLY A 336 3.88 -6.13 12.29
N LEU A 337 4.03 -6.14 10.98
CA LEU A 337 5.35 -6.32 10.38
C LEU A 337 5.48 -5.68 9.02
N VAL A 338 6.72 -5.37 8.69
CA VAL A 338 7.07 -4.68 7.47
C VAL A 338 8.28 -5.41 6.93
N ILE A 339 8.23 -5.74 5.63
CA ILE A 339 9.35 -6.36 4.94
C ILE A 339 9.64 -5.55 3.66
N LEU A 340 10.76 -4.83 3.63
CA LEU A 340 11.12 -3.99 2.48
C LEU A 340 12.42 -4.52 1.87
N ALA A 341 12.43 -4.71 0.54
CA ALA A 341 13.63 -5.18 -0.18
C ALA A 341 13.92 -4.33 -1.41
N ASN A 342 15.19 -4.32 -1.81
CA ASN A 342 15.58 -3.61 -3.04
C ASN A 342 15.78 -4.59 -4.24
N ARG A 343 14.91 -5.59 -4.28
CA ARG A 343 14.58 -6.30 -5.52
C ARG A 343 13.07 -6.57 -5.58
N ASN A 344 12.52 -6.50 -6.78
CA ASN A 344 11.14 -6.94 -6.99
C ASN A 344 11.13 -8.46 -7.10
N TYR A 345 10.84 -9.12 -5.98
CA TYR A 345 10.81 -10.57 -5.93
C TYR A 345 9.35 -11.03 -5.73
N PRO A 346 9.02 -12.27 -6.11
CA PRO A 346 7.62 -12.68 -6.11
C PRO A 346 6.84 -12.43 -4.82
N ASN A 347 5.59 -11.98 -4.96
CA ASN A 347 4.74 -11.74 -3.78
C ASN A 347 4.69 -12.98 -2.89
N ALA A 348 4.65 -14.16 -3.51
CA ALA A 348 4.51 -15.40 -2.70
C ALA A 348 5.65 -15.55 -1.68
N GLU A 349 6.85 -15.09 -2.07
CA GLU A 349 8.06 -15.17 -1.23
C GLU A 349 8.02 -14.17 -0.08
N ARG A 350 7.50 -12.98 -0.34
CA ARG A 350 7.27 -11.96 0.70
C ARG A 350 6.34 -12.53 1.75
N VAL A 351 5.25 -13.11 1.27
CA VAL A 351 4.23 -13.70 2.16
C VAL A 351 4.81 -14.85 2.95
N LYS A 352 5.70 -15.63 2.33
CA LYS A 352 6.36 -16.76 2.98
C LYS A 352 7.19 -16.29 4.20
N ILE A 353 7.96 -15.22 4.02
CA ILE A 353 8.75 -14.65 5.12
C ILE A 353 7.80 -14.24 6.25
N ALA A 354 6.77 -13.48 5.91
CA ALA A 354 5.84 -12.93 6.91
C ALA A 354 5.14 -14.05 7.65
N TYR A 355 4.68 -15.04 6.90
CA TYR A 355 3.96 -16.15 7.51
C TYR A 355 4.84 -16.92 8.51
N ALA A 356 6.10 -17.16 8.14
CA ALA A 356 7.05 -17.81 9.03
C ALA A 356 7.27 -17.02 10.32
N ILE A 357 7.37 -15.71 10.21
CA ILE A 357 7.53 -14.87 11.39
C ILE A 357 6.28 -14.92 12.26
N LEU A 358 5.11 -14.70 11.65
CA LEU A 358 3.87 -14.74 12.42
C LEU A 358 3.61 -16.11 13.08
N SER A 359 3.90 -17.20 12.36
CA SER A 359 3.75 -18.56 12.88
C SER A 359 4.64 -18.82 14.08
N GLY A 360 5.88 -18.36 13.97
CA GLY A 360 6.88 -18.49 15.02
C GLY A 360 6.53 -17.67 16.24
N LEU A 361 5.88 -16.52 16.02
CA LEU A 361 5.44 -15.66 17.12
C LEU A 361 4.28 -16.27 17.89
N GLU A 362 3.33 -16.86 17.16
CA GLU A 362 2.22 -17.59 17.77
C GLU A 362 2.77 -18.77 18.59
N GLN A 363 3.69 -19.51 18.00
CA GLN A 363 4.36 -20.63 18.70
C GLN A 363 5.40 -20.12 19.70
#